data_8ASZ
#
_entry.id   8ASZ
#
_cell.length_a   37.260
_cell.length_b   79.070
_cell.length_c   113.340
_cell.angle_alpha   90.000
_cell.angle_beta   90.000
_cell.angle_gamma   90.000
#
_symmetry.space_group_name_H-M   'P 21 21 21'
#
loop_
_entity.id
_entity.type
_entity.pdbx_description
1 polymer 'Putrescine-binding periplasmic protein PotF'
2 non-polymer AGMATINE
3 non-polymer 1,2-ETHANEDIOL
4 non-polymer GLYCEROL
5 non-polymer DI(HYDROXYETHYL)ETHER
6 non-polymer 'CALCIUM ION'
7 water water
#
_entity_poly.entity_id   1
_entity_poly.type   'polypeptide(L)'
_entity_poly.pdbx_seq_one_letter_code
;AEQKTLHIYNWSDYIAPDTVANFEKETGIKVVYDVFDSNEVLEGKLMAGSTGFDLVVPSAYFLERQLTAGVFQPLDKSKL
PEWKNLDPELLKLVAKHDPDNKFAMPYMWATTGIGYNVDKVKAVLGENAPVDSWDLILKPENLEKLKSCGVSFLDDPEEV
FATVLNYLGKDPNSTKADDYTGPATDLLLKLRPNIRYFHSSQYINDLANGDICVAIGWAGDVWQASNRAKEAKNGVNVSF
SIPKEGAMAFFDVFAMPADAKNKDEAYQFLNYLLRPDVVAHISDHVFYANANKAATPLVSAEVRENPGIYPPADVRAKLF
TLKVQDPKIDRVRTRAWTKVKSGKLEHHHHHH
;
_entity_poly.pdbx_strand_id   A
#
loop_
_chem_comp.id
_chem_comp.type
_chem_comp.name
_chem_comp.formula
AG2 non-polymer AGMATINE 'C5 H14 N4'
CA non-polymer 'CALCIUM ION' 'Ca 2'
EDO non-polymer 1,2-ETHANEDIOL 'C2 H6 O2'
GOL non-polymer GLYCEROL 'C3 H8 O3'
PEG non-polymer DI(HYDROXYETHYL)ETHER 'C4 H10 O3'
#
# COMPACT_ATOMS: atom_id res chain seq x y z
N ALA A 1 31.36 18.85 -14.65
CA ALA A 1 31.49 18.60 -16.08
C ALA A 1 30.89 17.25 -16.40
N GLU A 2 31.14 16.27 -15.53
CA GLU A 2 30.69 14.92 -15.81
C GLU A 2 29.19 14.78 -15.54
N GLN A 3 28.59 13.79 -16.22
CA GLN A 3 27.15 13.57 -16.11
C GLN A 3 26.80 13.20 -14.66
N LYS A 4 25.69 13.73 -14.17
CA LYS A 4 25.13 13.39 -12.86
C LYS A 4 24.07 12.33 -13.07
N THR A 5 24.08 11.32 -12.21
CA THR A 5 23.19 10.18 -12.34
CA THR A 5 23.18 10.19 -12.34
C THR A 5 22.48 9.96 -11.01
N LEU A 6 21.38 9.22 -11.07
CA LEU A 6 20.54 8.85 -9.93
C LEU A 6 19.84 7.55 -10.25
N HIS A 7 19.89 6.60 -9.33
CA HIS A 7 19.30 5.28 -9.48
CA HIS A 7 19.28 5.29 -9.48
C HIS A 7 18.18 5.14 -8.45
N ILE A 8 16.95 4.89 -8.90
CA ILE A 8 15.77 4.78 -8.06
C ILE A 8 15.16 3.39 -8.24
N TYR A 9 14.67 2.81 -7.14
CA TYR A 9 13.91 1.56 -7.17
C TYR A 9 12.57 1.79 -6.46
N ASN A 10 11.48 1.60 -7.18
CA ASN A 10 10.14 1.89 -6.68
C ASN A 10 9.17 0.80 -7.14
N TRP A 11 8.02 0.69 -6.51
CA TRP A 11 6.94 -0.10 -7.08
C TRP A 11 6.64 0.34 -8.50
N SER A 12 6.20 -0.63 -9.32
CA SER A 12 5.54 -0.27 -10.56
C SER A 12 4.28 0.53 -10.30
N ASP A 13 3.80 1.25 -11.30
CA ASP A 13 2.51 1.98 -11.23
C ASP A 13 2.44 2.85 -9.98
N TYR A 14 3.51 3.62 -9.75
CA TYR A 14 3.65 4.39 -8.52
C TYR A 14 4.42 5.65 -8.78
N ILE A 15 4.24 6.22 -9.98
CA ILE A 15 4.79 7.52 -10.37
C ILE A 15 3.96 7.95 -11.59
N ALA A 16 4.00 9.23 -11.95
CA ALA A 16 3.30 9.64 -13.19
C ALA A 16 4.21 9.36 -14.38
N PRO A 17 3.65 9.23 -15.59
CA PRO A 17 4.48 8.86 -16.74
C PRO A 17 5.60 9.81 -17.06
N ASP A 18 5.44 11.09 -16.74
CA ASP A 18 6.38 12.13 -17.08
C ASP A 18 7.14 12.67 -15.88
N THR A 19 6.97 12.07 -14.68
CA THR A 19 7.67 12.61 -13.51
C THR A 19 9.19 12.62 -13.69
N VAL A 20 9.74 11.49 -14.15
CA VAL A 20 11.18 11.38 -14.34
C VAL A 20 11.65 12.28 -15.48
N ALA A 21 10.91 12.27 -16.61
CA ALA A 21 11.28 13.14 -17.71
C ALA A 21 11.29 14.60 -17.30
N ASN A 22 10.28 15.03 -16.54
CA ASN A 22 10.21 16.41 -16.10
C ASN A 22 11.39 16.77 -15.22
N PHE A 23 11.73 15.88 -14.29
CA PHE A 23 12.87 16.10 -13.45
C PHE A 23 14.15 16.24 -14.27
N GLU A 24 14.35 15.32 -15.24
CA GLU A 24 15.58 15.38 -16.03
C GLU A 24 15.70 16.71 -16.79
N LYS A 25 14.54 17.14 -17.37
CA LYS A 25 14.51 18.42 -18.10
C LYS A 25 14.86 19.59 -17.19
N GLU A 26 14.38 19.56 -15.96
CA GLU A 26 14.62 20.69 -15.05
C GLU A 26 16.01 20.70 -14.43
N THR A 27 16.60 19.55 -14.14
CA THR A 27 17.84 19.44 -13.40
C THR A 27 19.08 18.99 -14.18
N GLY A 28 18.93 18.38 -15.38
CA GLY A 28 20.04 17.79 -16.08
C GLY A 28 20.58 16.49 -15.51
N ILE A 29 19.91 15.88 -14.58
CA ILE A 29 20.35 14.63 -13.96
C ILE A 29 19.76 13.44 -14.74
N LYS A 30 20.63 12.49 -15.04
CA LYS A 30 20.20 11.24 -15.68
C LYS A 30 19.61 10.32 -14.61
N VAL A 31 18.39 9.89 -14.77
CA VAL A 31 17.74 8.99 -13.81
C VAL A 31 17.67 7.59 -14.44
N VAL A 32 18.05 6.57 -13.67
CA VAL A 32 17.80 5.18 -13.99
C VAL A 32 16.73 4.73 -13.00
N TYR A 33 15.56 4.45 -13.52
CA TYR A 33 14.39 4.20 -12.70
C TYR A 33 13.95 2.74 -12.92
N ASP A 34 14.08 1.93 -11.89
CA ASP A 34 13.73 0.53 -11.95
C ASP A 34 12.55 0.27 -11.03
N VAL A 35 11.77 -0.75 -11.34
CA VAL A 35 10.56 -1.06 -10.60
C VAL A 35 10.47 -2.51 -10.15
N PHE A 36 9.79 -2.72 -9.04
CA PHE A 36 9.36 -4.05 -8.57
C PHE A 36 7.85 -4.11 -8.45
N ASP A 37 7.28 -5.33 -8.54
CA ASP A 37 5.85 -5.58 -8.38
CA ASP A 37 5.86 -5.59 -8.37
C ASP A 37 5.52 -6.20 -7.01
N SER A 38 6.51 -6.48 -6.19
CA SER A 38 6.33 -6.97 -4.83
C SER A 38 7.49 -6.48 -3.95
N ASN A 39 7.18 -6.06 -2.74
CA ASN A 39 8.24 -5.55 -1.87
C ASN A 39 9.18 -6.64 -1.38
N GLU A 40 8.80 -7.92 -1.55
CA GLU A 40 9.71 -9.00 -1.17
C GLU A 40 10.99 -8.92 -1.98
N VAL A 41 10.89 -8.48 -3.23
CA VAL A 41 12.05 -8.31 -4.09
C VAL A 41 12.94 -7.18 -3.58
N LEU A 42 12.31 -6.02 -3.29
CA LEU A 42 13.07 -4.92 -2.69
C LEU A 42 13.75 -5.35 -1.39
N GLU A 43 12.97 -5.93 -0.47
CA GLU A 43 13.51 -6.21 0.87
C GLU A 43 14.67 -7.19 0.78
N GLY A 44 14.53 -8.19 -0.09
CA GLY A 44 15.61 -9.17 -0.26
C GLY A 44 16.89 -8.52 -0.77
N LYS A 45 16.76 -7.53 -1.66
CA LYS A 45 17.98 -6.90 -2.19
C LYS A 45 18.61 -5.96 -1.17
N LEU A 46 17.79 -5.25 -0.41
CA LEU A 46 18.34 -4.38 0.63
C LEU A 46 19.08 -5.18 1.70
N MET A 47 18.50 -6.31 2.12
CA MET A 47 19.16 -7.14 3.12
CA MET A 47 19.17 -7.14 3.12
C MET A 47 20.45 -7.74 2.58
N ALA A 48 20.50 -8.06 1.30
CA ALA A 48 21.74 -8.58 0.73
C ALA A 48 22.81 -7.50 0.61
N GLY A 49 22.43 -6.22 0.49
CA GLY A 49 23.40 -5.15 0.50
C GLY A 49 23.95 -4.77 -0.86
N SER A 50 24.61 -3.63 -0.91
CA SER A 50 25.16 -3.06 -2.13
C SER A 50 24.21 -3.16 -3.33
N THR A 51 23.08 -2.43 -3.22
CA THR A 51 22.04 -2.52 -4.25
C THR A 51 22.33 -1.67 -5.48
N GLY A 52 23.15 -0.63 -5.37
CA GLY A 52 23.35 0.26 -6.47
C GLY A 52 22.27 1.33 -6.60
N PHE A 53 21.32 1.36 -5.68
CA PHE A 53 20.26 2.36 -5.70
C PHE A 53 20.58 3.52 -4.76
N ASP A 54 20.30 4.73 -5.21
N ASP A 54 20.29 4.73 -5.23
CA ASP A 54 20.40 5.92 -4.38
CA ASP A 54 20.42 5.91 -4.39
C ASP A 54 19.13 6.25 -3.63
C ASP A 54 19.15 6.19 -3.59
N LEU A 55 18.00 5.81 -4.11
CA LEU A 55 16.72 5.99 -3.45
C LEU A 55 15.89 4.74 -3.65
N VAL A 56 15.21 4.29 -2.58
CA VAL A 56 14.31 3.15 -2.63
C VAL A 56 13.04 3.51 -1.87
N VAL A 57 11.99 2.73 -2.13
CA VAL A 57 10.68 3.04 -1.57
C VAL A 57 10.16 1.87 -0.72
N PRO A 58 10.70 1.65 0.47
CA PRO A 58 10.14 0.66 1.39
C PRO A 58 8.89 1.13 2.12
N SER A 59 8.29 0.18 2.82
CA SER A 59 7.29 0.53 3.83
C SER A 59 7.96 1.15 5.06
N ALA A 60 7.26 2.07 5.73
CA ALA A 60 7.75 2.53 7.04
C ALA A 60 7.96 1.36 8.00
N TYR A 61 7.11 0.33 7.91
CA TYR A 61 7.22 -0.87 8.73
C TYR A 61 8.56 -1.56 8.52
N PHE A 62 8.92 -1.82 7.25
CA PHE A 62 10.18 -2.51 6.99
C PHE A 62 11.34 -1.64 7.42
N LEU A 63 11.19 -0.34 7.21
CA LEU A 63 12.26 0.57 7.58
C LEU A 63 12.56 0.45 9.06
N GLU A 64 11.52 0.38 9.89
CA GLU A 64 11.75 0.19 11.32
C GLU A 64 12.57 -1.07 11.59
N ARG A 65 12.24 -2.17 10.92
CA ARG A 65 12.97 -3.41 11.16
C ARG A 65 14.46 -3.32 10.83
N GLN A 66 14.85 -2.40 9.96
CA GLN A 66 16.24 -2.33 9.51
C GLN A 66 16.96 -1.10 10.04
N LEU A 67 16.42 -0.45 11.06
CA LEU A 67 17.00 0.80 11.55
C LEU A 67 18.34 0.55 12.20
N THR A 68 18.47 -0.58 12.92
CA THR A 68 19.71 -0.93 13.58
C THR A 68 20.69 -1.61 12.64
N ALA A 69 20.21 -2.13 11.51
CA ALA A 69 21.05 -2.86 10.57
C ALA A 69 21.91 -1.94 9.72
N GLY A 70 21.71 -0.62 9.80
N GLY A 70 21.71 -0.63 9.80
CA GLY A 70 22.49 0.30 9.00
CA GLY A 70 22.49 0.30 9.00
C GLY A 70 22.23 0.21 7.52
C GLY A 70 22.23 0.22 7.51
N VAL A 71 21.04 -0.23 7.11
CA VAL A 71 20.70 -0.29 5.68
C VAL A 71 20.52 1.11 5.09
N PHE A 72 20.06 2.05 5.89
CA PHE A 72 19.70 3.38 5.43
C PHE A 72 20.58 4.41 6.12
N GLN A 73 20.64 5.60 5.55
CA GLN A 73 21.31 6.71 6.19
C GLN A 73 20.37 7.88 6.43
N PRO A 74 20.63 8.68 7.46
CA PRO A 74 19.72 9.77 7.81
C PRO A 74 19.66 10.85 6.76
N LEU A 75 18.47 11.39 6.57
CA LEU A 75 18.29 12.42 5.57
C LEU A 75 18.72 13.78 6.11
N ASP A 76 19.48 14.50 5.30
CA ASP A 76 19.88 15.87 5.58
C ASP A 76 18.77 16.85 5.17
N LYS A 77 18.00 17.30 6.17
CA LYS A 77 16.87 18.17 5.93
C LYS A 77 17.27 19.53 5.39
N SER A 78 18.53 19.96 5.61
CA SER A 78 18.98 21.22 5.06
C SER A 78 18.93 21.20 3.54
N LYS A 79 18.95 20.03 2.93
CA LYS A 79 18.87 19.93 1.48
C LYS A 79 17.44 19.73 1.00
N LEU A 80 16.47 19.80 1.91
CA LEU A 80 15.07 19.53 1.63
C LEU A 80 14.28 20.73 2.14
N PRO A 81 14.43 21.88 1.48
CA PRO A 81 13.72 23.08 1.98
C PRO A 81 12.21 23.02 1.92
N GLU A 82 11.62 22.17 1.08
CA GLU A 82 10.16 22.00 1.04
C GLU A 82 9.66 20.87 2.00
N TRP A 83 10.52 20.41 2.92
CA TRP A 83 10.10 19.39 3.90
C TRP A 83 8.87 19.84 4.68
N LYS A 84 8.80 21.16 4.99
CA LYS A 84 7.68 21.79 5.67
C LYS A 84 6.32 21.51 5.02
N ASN A 85 6.30 21.02 3.79
CA ASN A 85 5.04 20.71 3.10
C ASN A 85 4.41 19.40 3.52
N LEU A 86 5.16 18.51 4.16
CA LEU A 86 4.66 17.21 4.53
C LEU A 86 3.60 17.36 5.64
N ASP A 87 2.59 16.54 5.59
CA ASP A 87 1.50 16.59 6.58
CA ASP A 87 1.52 16.58 6.57
C ASP A 87 2.00 16.15 7.96
N PRO A 88 1.88 16.98 8.97
CA PRO A 88 2.37 16.59 10.30
CA PRO A 88 2.37 16.59 10.28
C PRO A 88 1.70 15.35 10.86
N GLU A 89 0.43 15.12 10.58
CA GLU A 89 -0.25 13.91 11.08
C GLU A 89 0.43 12.65 10.55
N LEU A 90 0.77 12.67 9.26
CA LEU A 90 1.39 11.49 8.68
C LEU A 90 2.83 11.36 9.14
N LEU A 91 3.55 12.47 9.29
CA LEU A 91 4.87 12.40 9.86
C LEU A 91 4.85 11.70 11.21
N LYS A 92 3.85 12.00 12.04
CA LYS A 92 3.80 11.37 13.37
C LYS A 92 3.52 9.87 13.26
N LEU A 93 2.61 9.47 12.37
CA LEU A 93 2.39 8.04 12.19
C LEU A 93 3.63 7.32 11.67
N VAL A 94 4.33 7.90 10.71
CA VAL A 94 5.56 7.31 10.21
C VAL A 94 6.60 7.26 11.31
N ALA A 95 6.63 8.26 12.14
CA ALA A 95 7.63 8.31 13.19
C ALA A 95 7.45 7.20 14.23
N LYS A 96 6.29 6.53 14.27
CA LYS A 96 6.18 5.35 15.11
C LYS A 96 7.20 4.31 14.68
N HIS A 97 7.55 4.33 13.39
CA HIS A 97 8.55 3.45 12.84
C HIS A 97 9.94 4.09 12.72
N ASP A 98 10.03 5.41 12.69
CA ASP A 98 11.24 6.13 12.34
C ASP A 98 11.30 7.32 13.28
N PRO A 99 11.76 7.14 14.50
CA PRO A 99 11.72 8.25 15.46
C PRO A 99 12.32 9.54 14.94
N ASP A 100 11.61 10.64 15.18
CA ASP A 100 12.06 11.98 14.81
C ASP A 100 12.14 12.13 13.31
N ASN A 101 11.49 11.23 12.56
CA ASN A 101 11.49 11.25 11.09
C ASN A 101 12.90 11.42 10.54
N LYS A 102 13.84 10.61 11.03
CA LYS A 102 15.24 10.80 10.68
C LYS A 102 15.63 10.21 9.33
N PHE A 103 15.01 9.09 8.92
CA PHE A 103 15.47 8.33 7.78
C PHE A 103 14.52 8.35 6.61
N ALA A 104 13.24 8.61 6.81
CA ALA A 104 12.27 8.37 5.76
C ALA A 104 11.50 9.63 5.40
N MET A 105 11.26 9.82 4.09
CA MET A 105 10.39 10.88 3.62
C MET A 105 9.07 10.27 3.20
N PRO A 106 7.98 10.47 3.95
CA PRO A 106 6.69 9.91 3.53
C PRO A 106 6.37 10.28 2.07
N TYR A 107 5.87 9.28 1.34
CA TYR A 107 5.65 9.40 -0.10
C TYR A 107 4.16 9.34 -0.40
N MET A 108 3.56 8.17 -0.27
CA MET A 108 2.17 7.88 -0.54
C MET A 108 1.70 7.00 0.60
N TRP A 109 0.40 6.93 0.82
CA TRP A 109 -0.16 6.07 1.86
C TRP A 109 -1.54 5.61 1.45
N ALA A 110 -2.00 4.51 2.04
CA ALA A 110 -3.31 4.01 1.69
C ALA A 110 -3.70 2.98 2.74
N THR A 111 -4.74 2.21 2.44
CA THR A 111 -5.33 1.27 3.40
C THR A 111 -5.49 -0.08 2.73
N THR A 112 -5.60 -1.12 3.57
CA THR A 112 -5.91 -2.48 3.12
C THR A 112 -7.37 -2.73 3.37
N GLY A 113 -8.14 -2.76 2.28
CA GLY A 113 -9.57 -2.83 2.37
C GLY A 113 -10.17 -3.82 1.39
N ILE A 114 -11.42 -3.59 0.96
CA ILE A 114 -12.10 -4.51 0.05
C ILE A 114 -12.29 -3.86 -1.31
N GLY A 115 -11.78 -4.47 -2.36
CA GLY A 115 -12.07 -4.05 -3.73
C GLY A 115 -13.16 -4.97 -4.27
N TYR A 116 -14.12 -4.41 -5.02
CA TYR A 116 -15.20 -5.29 -5.49
C TYR A 116 -15.82 -4.79 -6.79
N ASN A 117 -16.50 -5.72 -7.50
CA ASN A 117 -17.34 -5.34 -8.63
C ASN A 117 -18.75 -4.98 -8.15
N VAL A 118 -19.14 -3.71 -8.35
N VAL A 118 -19.15 -3.72 -8.36
CA VAL A 118 -20.42 -3.20 -7.87
CA VAL A 118 -20.43 -3.20 -7.86
C VAL A 118 -21.58 -4.03 -8.40
C VAL A 118 -21.60 -4.01 -8.41
N ASP A 119 -21.60 -4.24 -9.72
CA ASP A 119 -22.73 -4.92 -10.33
C ASP A 119 -22.79 -6.36 -9.88
N LYS A 120 -21.66 -7.08 -9.86
CA LYS A 120 -21.70 -8.49 -9.50
CA LYS A 120 -21.70 -8.49 -9.50
C LYS A 120 -22.06 -8.67 -8.03
N VAL A 121 -21.52 -7.82 -7.15
CA VAL A 121 -21.88 -7.96 -5.74
C VAL A 121 -23.38 -7.72 -5.56
N LYS A 122 -23.92 -6.68 -6.19
CA LYS A 122 -25.36 -6.41 -6.02
C LYS A 122 -26.23 -7.50 -6.67
N ALA A 123 -25.76 -8.16 -7.73
CA ALA A 123 -26.55 -9.23 -8.32
C ALA A 123 -26.64 -10.45 -7.40
N VAL A 124 -25.53 -10.77 -6.76
CA VAL A 124 -25.37 -11.94 -5.89
C VAL A 124 -25.94 -11.71 -4.50
N LEU A 125 -25.65 -10.56 -3.86
CA LEU A 125 -26.04 -10.34 -2.47
C LEU A 125 -27.15 -9.31 -2.29
N GLY A 126 -27.64 -8.71 -3.36
CA GLY A 126 -28.75 -7.79 -3.26
C GLY A 126 -28.29 -6.36 -3.14
N GLU A 127 -29.26 -5.44 -3.31
CA GLU A 127 -28.98 -4.02 -3.30
C GLU A 127 -28.46 -3.53 -1.95
N ASN A 128 -28.67 -4.31 -0.90
CA ASN A 128 -28.21 -3.95 0.44
C ASN A 128 -27.00 -4.79 0.85
N ALA A 129 -26.24 -5.25 -0.13
CA ALA A 129 -25.03 -5.96 0.22
C ALA A 129 -24.18 -5.05 1.10
N PRO A 130 -23.56 -5.60 2.13
CA PRO A 130 -22.86 -4.83 3.16
C PRO A 130 -21.46 -4.46 2.69
N VAL A 131 -21.41 -3.60 1.67
CA VAL A 131 -20.14 -3.18 1.10
C VAL A 131 -19.36 -2.29 2.04
N ASP A 132 -19.97 -1.80 3.10
CA ASP A 132 -19.35 -0.95 4.12
C ASP A 132 -18.78 -1.74 5.28
N SER A 133 -18.66 -3.05 5.13
CA SER A 133 -18.29 -3.87 6.26
C SER A 133 -17.41 -5.03 5.82
N TRP A 134 -16.49 -5.41 6.71
N TRP A 134 -16.48 -5.42 6.69
CA TRP A 134 -15.74 -6.63 6.50
CA TRP A 134 -15.72 -6.65 6.45
C TRP A 134 -16.63 -7.87 6.43
C TRP A 134 -16.61 -7.88 6.45
N ASP A 135 -17.86 -7.76 6.89
CA ASP A 135 -18.80 -8.86 6.76
C ASP A 135 -18.94 -9.29 5.32
N LEU A 136 -18.75 -8.36 4.38
CA LEU A 136 -18.90 -8.72 2.97
C LEU A 136 -18.02 -9.91 2.60
N ILE A 137 -16.80 -9.99 3.12
CA ILE A 137 -15.79 -10.95 2.68
CA ILE A 137 -15.84 -10.98 2.69
C ILE A 137 -15.30 -11.83 3.83
N LEU A 138 -15.60 -11.50 5.08
CA LEU A 138 -15.20 -12.27 6.25
C LEU A 138 -16.33 -13.09 6.88
N LYS A 139 -17.57 -13.03 6.34
CA LYS A 139 -18.66 -13.93 6.73
C LYS A 139 -18.74 -15.03 5.69
N PRO A 140 -18.62 -16.28 6.11
CA PRO A 140 -18.72 -17.38 5.14
C PRO A 140 -19.99 -17.39 4.33
N GLU A 141 -21.15 -17.09 4.91
CA GLU A 141 -22.37 -17.12 4.12
C GLU A 141 -22.28 -16.16 2.94
N ASN A 142 -21.54 -15.05 3.08
CA ASN A 142 -21.44 -14.16 1.93
C ASN A 142 -20.41 -14.66 0.95
N LEU A 143 -19.31 -15.20 1.45
CA LEU A 143 -18.27 -15.66 0.55
C LEU A 143 -18.73 -16.86 -0.27
N GLU A 144 -19.59 -17.72 0.31
N GLU A 144 -19.59 -17.70 0.31
CA GLU A 144 -20.13 -18.84 -0.42
CA GLU A 144 -20.12 -18.84 -0.44
C GLU A 144 -20.90 -18.37 -1.64
C GLU A 144 -20.90 -18.37 -1.65
N LYS A 145 -21.66 -17.28 -1.49
CA LYS A 145 -22.41 -16.76 -2.61
C LYS A 145 -21.50 -16.10 -3.62
N LEU A 146 -20.40 -15.45 -3.16
CA LEU A 146 -19.40 -14.82 -4.02
C LEU A 146 -18.35 -15.79 -4.59
N LYS A 147 -18.28 -17.02 -4.11
CA LYS A 147 -17.25 -17.95 -4.58
C LYS A 147 -17.17 -17.98 -6.10
N SER A 148 -18.31 -18.17 -6.79
CA SER A 148 -18.26 -18.45 -8.21
C SER A 148 -17.81 -17.24 -9.02
N CYS A 149 -18.10 -16.01 -8.55
CA CYS A 149 -17.65 -14.81 -9.27
CA CYS A 149 -17.65 -14.82 -9.28
C CYS A 149 -16.20 -14.45 -8.95
N GLY A 150 -15.55 -15.17 -8.02
CA GLY A 150 -14.14 -15.04 -7.78
C GLY A 150 -13.77 -14.15 -6.60
N VAL A 151 -13.11 -14.74 -5.60
CA VAL A 151 -12.65 -14.06 -4.39
C VAL A 151 -11.12 -14.18 -4.35
N SER A 152 -10.41 -13.08 -4.05
CA SER A 152 -8.99 -13.16 -3.79
C SER A 152 -8.62 -12.47 -2.46
N PHE A 153 -7.60 -13.03 -1.81
CA PHE A 153 -6.96 -12.37 -0.67
C PHE A 153 -5.51 -12.06 -1.01
N LEU A 154 -4.96 -11.03 -0.38
CA LEU A 154 -3.54 -10.78 -0.48
C LEU A 154 -2.75 -11.93 0.10
N ASP A 155 -1.59 -12.18 -0.48
CA ASP A 155 -0.71 -13.19 0.05
C ASP A 155 0.21 -12.53 1.05
N ASP A 156 -0.36 -12.06 2.15
CA ASP A 156 0.33 -11.17 3.08
C ASP A 156 -0.16 -11.51 4.50
N PRO A 157 0.54 -12.42 5.21
CA PRO A 157 -0.01 -12.84 6.50
C PRO A 157 -0.07 -11.70 7.50
N GLU A 158 0.89 -10.79 7.50
CA GLU A 158 0.90 -9.76 8.52
C GLU A 158 -0.35 -8.91 8.40
N GLU A 159 -0.72 -8.55 7.19
CA GLU A 159 -1.88 -7.71 6.98
C GLU A 159 -3.17 -8.47 7.14
N VAL A 160 -3.23 -9.68 6.62
CA VAL A 160 -4.48 -10.42 6.72
C VAL A 160 -4.78 -10.83 8.17
N PHE A 161 -3.79 -11.35 8.88
CA PHE A 161 -4.05 -11.67 10.29
C PHE A 161 -4.44 -10.43 11.10
N ALA A 162 -3.81 -9.29 10.84
CA ALA A 162 -4.16 -8.09 11.59
C ALA A 162 -5.59 -7.68 11.29
N THR A 163 -6.00 -7.81 10.03
CA THR A 163 -7.36 -7.46 9.63
C THR A 163 -8.35 -8.38 10.31
N VAL A 164 -8.01 -9.68 10.39
CA VAL A 164 -8.87 -10.66 11.01
C VAL A 164 -8.96 -10.40 12.50
N LEU A 165 -7.82 -10.15 13.16
CA LEU A 165 -7.84 -9.91 14.61
C LEU A 165 -8.66 -8.67 14.93
N ASN A 166 -8.50 -7.58 14.17
CA ASN A 166 -9.32 -6.40 14.40
C ASN A 166 -10.80 -6.75 14.26
N TYR A 167 -11.15 -7.49 13.22
CA TYR A 167 -12.54 -7.84 12.98
C TYR A 167 -13.11 -8.63 14.13
N LEU A 168 -12.31 -9.52 14.73
CA LEU A 168 -12.78 -10.38 15.82
C LEU A 168 -12.88 -9.65 17.15
N GLY A 169 -12.40 -8.43 17.24
CA GLY A 169 -12.38 -7.72 18.50
C GLY A 169 -11.15 -7.95 19.32
N LYS A 170 -10.08 -8.45 18.72
CA LYS A 170 -8.80 -8.67 19.38
C LYS A 170 -7.91 -7.47 19.05
N ASP A 171 -6.78 -7.39 19.74
CA ASP A 171 -5.78 -6.39 19.34
C ASP A 171 -5.29 -6.68 17.93
N PRO A 172 -5.39 -5.75 16.98
CA PRO A 172 -4.85 -6.01 15.64
C PRO A 172 -3.41 -6.42 15.68
N ASN A 173 -2.67 -5.95 16.68
CA ASN A 173 -1.24 -6.24 16.85
C ASN A 173 -0.99 -7.17 18.02
N SER A 174 -1.89 -8.12 18.24
CA SER A 174 -1.79 -8.99 19.39
C SER A 174 -0.43 -9.64 19.45
N THR A 175 0.13 -9.72 20.67
CA THR A 175 1.35 -10.47 20.93
C THR A 175 1.08 -11.88 21.47
N LYS A 176 -0.17 -12.33 21.41
CA LYS A 176 -0.52 -13.65 21.91
C LYS A 176 -0.54 -14.66 20.76
N ALA A 177 0.36 -15.64 20.82
CA ALA A 177 0.42 -16.63 19.76
C ALA A 177 -0.93 -17.31 19.58
N ASP A 178 -1.64 -17.59 20.69
N ASP A 178 -1.64 -17.58 20.68
CA ASP A 178 -2.90 -18.33 20.59
CA ASP A 178 -2.90 -18.31 20.61
C ASP A 178 -3.95 -17.56 19.80
C ASP A 178 -3.94 -17.56 19.80
N ASP A 179 -3.85 -16.22 19.75
CA ASP A 179 -4.79 -15.45 18.94
C ASP A 179 -4.68 -15.82 17.45
N TYR A 180 -3.48 -16.13 16.98
CA TYR A 180 -3.26 -16.41 15.57
C TYR A 180 -3.63 -17.86 15.22
N THR A 181 -3.17 -18.79 16.04
CA THR A 181 -3.38 -20.20 15.77
C THR A 181 -4.79 -20.63 16.12
N GLY A 182 -5.43 -19.86 16.99
CA GLY A 182 -6.77 -20.14 17.42
C GLY A 182 -7.81 -19.42 16.61
N PRO A 183 -8.42 -18.38 17.20
CA PRO A 183 -9.58 -17.75 16.56
C PRO A 183 -9.30 -17.18 15.18
N ALA A 184 -8.13 -16.56 14.92
CA ALA A 184 -7.87 -16.04 13.57
C ALA A 184 -7.79 -17.16 12.53
N THR A 185 -7.09 -18.24 12.84
CA THR A 185 -7.01 -19.36 11.91
C THR A 185 -8.34 -20.06 11.71
N ASP A 186 -9.14 -20.16 12.77
CA ASP A 186 -10.45 -20.77 12.66
C ASP A 186 -11.32 -20.07 11.63
N LEU A 187 -11.37 -18.72 11.70
CA LEU A 187 -12.16 -17.96 10.72
C LEU A 187 -11.57 -18.17 9.34
N LEU A 188 -10.25 -18.04 9.22
CA LEU A 188 -9.63 -18.16 7.91
C LEU A 188 -9.88 -19.54 7.29
N LEU A 189 -9.85 -20.59 8.09
CA LEU A 189 -10.08 -21.90 7.50
C LEU A 189 -11.53 -22.09 7.09
N LYS A 190 -12.47 -21.47 7.81
CA LYS A 190 -13.86 -21.45 7.35
C LYS A 190 -14.00 -20.74 6.01
N LEU A 191 -13.25 -19.63 5.81
CA LEU A 191 -13.38 -18.87 4.57
C LEU A 191 -12.67 -19.52 3.41
N ARG A 192 -11.57 -20.20 3.72
CA ARG A 192 -10.65 -20.70 2.70
C ARG A 192 -11.30 -21.46 1.53
N PRO A 193 -12.26 -22.37 1.72
CA PRO A 193 -12.78 -23.08 0.54
C PRO A 193 -13.37 -22.16 -0.51
N ASN A 194 -13.64 -20.89 -0.16
CA ASN A 194 -14.30 -19.97 -1.08
C ASN A 194 -13.31 -19.01 -1.73
N ILE A 195 -12.07 -19.06 -1.33
CA ILE A 195 -11.04 -18.16 -1.84
C ILE A 195 -10.38 -18.76 -3.07
N ARG A 196 -10.47 -18.08 -4.21
CA ARG A 196 -9.83 -18.59 -5.42
C ARG A 196 -8.32 -18.63 -5.30
N TYR A 197 -7.73 -17.50 -4.88
CA TYR A 197 -6.28 -17.46 -4.78
C TYR A 197 -5.85 -16.41 -3.75
N PHE A 198 -4.60 -16.61 -3.31
CA PHE A 198 -3.87 -15.66 -2.48
C PHE A 198 -2.78 -15.05 -3.32
N HIS A 199 -2.95 -13.80 -3.65
CA HIS A 199 -1.99 -13.15 -4.52
C HIS A 199 -2.13 -11.65 -4.31
N SER A 200 -1.00 -10.93 -4.36
CA SER A 200 -0.99 -9.53 -4.03
C SER A 200 -0.84 -8.64 -5.25
N SER A 201 -0.92 -9.20 -6.46
CA SER A 201 -1.08 -8.31 -7.60
C SER A 201 -2.04 -8.79 -8.67
N GLN A 202 -2.32 -10.11 -8.80
CA GLN A 202 -3.19 -10.60 -9.88
C GLN A 202 -4.58 -10.02 -9.75
N TYR A 203 -4.93 -9.63 -8.54
CA TYR A 203 -6.28 -9.14 -8.25
C TYR A 203 -6.59 -7.82 -8.97
N ILE A 204 -5.55 -7.02 -9.33
CA ILE A 204 -5.77 -5.71 -9.94
C ILE A 204 -6.41 -5.91 -11.31
N ASN A 205 -5.73 -6.58 -12.23
CA ASN A 205 -6.35 -6.74 -13.54
C ASN A 205 -7.53 -7.68 -13.49
N ASP A 206 -7.59 -8.60 -12.55
CA ASP A 206 -8.76 -9.45 -12.49
C ASP A 206 -10.01 -8.64 -12.09
N LEU A 207 -9.86 -7.65 -11.20
CA LEU A 207 -10.99 -6.76 -10.91
C LEU A 207 -11.35 -5.91 -12.12
N ALA A 208 -10.35 -5.37 -12.81
CA ALA A 208 -10.62 -4.49 -13.93
C ALA A 208 -11.33 -5.23 -15.06
N ASN A 209 -11.02 -6.49 -15.26
CA ASN A 209 -11.58 -7.28 -16.37
C ASN A 209 -12.85 -8.03 -16.01
N GLY A 210 -13.29 -7.98 -14.77
CA GLY A 210 -14.46 -8.75 -14.38
C GLY A 210 -14.22 -10.18 -13.94
N ASP A 211 -12.98 -10.60 -13.74
CA ASP A 211 -12.69 -12.00 -13.46
C ASP A 211 -12.75 -12.36 -11.99
N ILE A 212 -12.58 -11.40 -11.10
CA ILE A 212 -12.86 -11.60 -9.69
CA ILE A 212 -12.79 -11.53 -9.66
C ILE A 212 -13.81 -10.49 -9.26
N CYS A 213 -14.70 -10.83 -8.33
N CYS A 213 -14.72 -10.84 -8.35
CA CYS A 213 -15.72 -9.91 -7.89
CA CYS A 213 -15.71 -9.85 -7.92
C CYS A 213 -15.44 -9.25 -6.55
C CYS A 213 -15.46 -9.25 -6.54
N VAL A 214 -14.62 -9.85 -5.69
CA VAL A 214 -14.28 -9.26 -4.41
C VAL A 214 -12.83 -9.64 -4.07
N ALA A 215 -12.10 -8.71 -3.45
CA ALA A 215 -10.71 -8.95 -3.10
C ALA A 215 -10.33 -8.15 -1.88
N ILE A 216 -9.46 -8.72 -1.04
CA ILE A 216 -8.69 -7.85 -0.13
C ILE A 216 -7.57 -7.23 -0.93
N GLY A 217 -7.50 -5.92 -0.93
CA GLY A 217 -6.53 -5.23 -1.75
C GLY A 217 -6.08 -3.92 -1.10
N TRP A 218 -5.04 -3.34 -1.70
CA TRP A 218 -4.57 -2.00 -1.35
C TRP A 218 -5.38 -0.96 -2.11
N ALA A 219 -5.85 0.08 -1.40
CA ALA A 219 -6.80 1.04 -1.93
C ALA A 219 -6.37 1.51 -3.30
N GLY A 220 -5.16 2.06 -3.46
CA GLY A 220 -4.84 2.69 -4.71
C GLY A 220 -4.77 1.71 -5.84
N ASP A 221 -4.34 0.50 -5.57
CA ASP A 221 -4.34 -0.54 -6.60
C ASP A 221 -5.77 -0.81 -7.07
N VAL A 222 -6.73 -0.87 -6.14
CA VAL A 222 -8.12 -1.07 -6.52
C VAL A 222 -8.66 0.12 -7.32
N TRP A 223 -8.31 1.33 -6.90
CA TRP A 223 -8.75 2.49 -7.66
C TRP A 223 -8.08 2.49 -9.03
N GLN A 224 -6.85 2.02 -9.16
CA GLN A 224 -6.26 1.84 -10.48
C GLN A 224 -7.07 0.83 -11.31
N ALA A 225 -7.41 -0.30 -10.70
CA ALA A 225 -8.27 -1.28 -11.38
C ALA A 225 -9.56 -0.62 -11.88
N SER A 226 -10.21 0.15 -11.04
CA SER A 226 -11.44 0.83 -11.43
C SER A 226 -11.22 1.75 -12.62
N ASN A 227 -10.14 2.51 -12.61
CA ASN A 227 -9.82 3.40 -13.71
C ASN A 227 -9.48 2.65 -14.96
N ARG A 228 -8.73 1.54 -14.84
CA ARG A 228 -8.41 0.75 -16.04
C ARG A 228 -9.70 0.24 -16.68
N ALA A 229 -10.64 -0.25 -15.88
CA ALA A 229 -11.91 -0.70 -16.46
C ALA A 229 -12.63 0.45 -17.17
N LYS A 230 -12.63 1.64 -16.58
CA LYS A 230 -13.27 2.78 -17.25
C LYS A 230 -12.59 3.10 -18.57
N GLU A 231 -11.26 3.21 -18.58
CA GLU A 231 -10.56 3.53 -19.82
C GLU A 231 -10.78 2.47 -20.88
N ALA A 232 -11.00 1.22 -20.47
CA ALA A 232 -11.26 0.18 -21.44
C ALA A 232 -12.69 0.22 -21.97
N LYS A 233 -13.49 1.18 -21.47
CA LYS A 233 -14.89 1.35 -21.87
CA LYS A 233 -14.89 1.34 -21.87
C LYS A 233 -15.60 -0.01 -21.89
N ASN A 234 -15.28 -0.86 -20.91
CA ASN A 234 -15.76 -2.24 -20.84
C ASN A 234 -17.00 -2.44 -19.98
N GLY A 235 -17.59 -1.40 -19.42
CA GLY A 235 -18.78 -1.53 -18.61
C GLY A 235 -18.57 -1.98 -17.16
N VAL A 236 -17.36 -2.42 -16.81
CA VAL A 236 -17.07 -2.95 -15.47
C VAL A 236 -16.92 -1.82 -14.47
N ASN A 237 -17.59 -1.96 -13.33
CA ASN A 237 -17.65 -0.96 -12.27
C ASN A 237 -17.00 -1.51 -11.00
N VAL A 238 -15.73 -1.12 -10.76
CA VAL A 238 -15.02 -1.53 -9.55
C VAL A 238 -15.02 -0.38 -8.53
N SER A 239 -15.27 -0.73 -7.29
CA SER A 239 -15.17 0.20 -6.17
C SER A 239 -14.30 -0.42 -5.08
N PHE A 240 -14.11 0.36 -4.02
CA PHE A 240 -13.27 -0.02 -2.88
C PHE A 240 -13.95 0.50 -1.62
N SER A 241 -13.83 -0.27 -0.54
N SER A 241 -13.76 -0.21 -0.51
CA SER A 241 -14.31 0.08 0.77
CA SER A 241 -14.35 0.20 0.75
C SER A 241 -13.19 0.07 1.81
C SER A 241 -13.35 0.05 1.87
N ILE A 242 -13.19 1.12 2.63
CA ILE A 242 -12.52 1.12 3.93
C ILE A 242 -13.65 0.71 4.89
N PRO A 243 -13.70 -0.49 5.43
CA PRO A 243 -14.90 -0.91 6.15
C PRO A 243 -15.08 -0.18 7.48
N LYS A 244 -16.34 -0.25 7.94
CA LYS A 244 -16.75 0.50 9.12
C LYS A 244 -16.07 0.01 10.38
N GLU A 245 -15.59 -1.21 10.41
CA GLU A 245 -14.88 -1.73 11.56
C GLU A 245 -13.43 -1.28 11.62
N GLY A 246 -12.95 -0.58 10.65
CA GLY A 246 -11.57 -0.15 10.63
C GLY A 246 -10.76 -0.99 9.67
N ALA A 247 -9.51 -0.59 9.46
CA ALA A 247 -8.63 -1.20 8.48
C ALA A 247 -7.22 -0.76 8.78
N MET A 248 -6.28 -1.49 8.19
CA MET A 248 -4.85 -1.17 8.34
C MET A 248 -4.50 -0.04 7.37
N ALA A 249 -3.82 0.97 7.86
CA ALA A 249 -3.14 1.98 7.06
C ALA A 249 -1.66 1.61 6.89
N PHE A 250 -1.09 1.94 5.74
CA PHE A 250 0.34 1.76 5.48
C PHE A 250 0.90 3.01 4.81
N PHE A 251 2.20 3.23 4.96
CA PHE A 251 2.89 4.43 4.52
C PHE A 251 4.13 4.00 3.76
N ASP A 252 4.16 4.28 2.48
CA ASP A 252 5.35 4.04 1.68
C ASP A 252 6.20 5.29 1.75
N VAL A 253 7.50 5.08 1.88
CA VAL A 253 8.44 6.17 2.10
C VAL A 253 9.62 6.09 1.15
N PHE A 254 10.20 7.26 0.83
CA PHE A 254 11.53 7.31 0.20
C PHE A 254 12.59 7.25 1.28
N ALA A 255 13.62 6.46 1.00
CA ALA A 255 14.76 6.32 1.89
C ALA A 255 16.01 6.16 1.06
N MET A 256 17.14 6.46 1.69
CA MET A 256 18.44 6.54 1.01
C MET A 256 19.33 5.42 1.53
N PRO A 257 19.69 4.41 0.72
CA PRO A 257 20.63 3.40 1.25
C PRO A 257 21.91 4.05 1.76
N ALA A 258 22.50 3.40 2.76
CA ALA A 258 23.71 3.93 3.39
C ALA A 258 24.89 4.00 2.44
N ASP A 259 24.94 3.17 1.40
CA ASP A 259 26.03 3.24 0.45
C ASP A 259 25.71 4.03 -0.82
N ALA A 260 24.67 4.84 -0.80
CA ALA A 260 24.31 5.61 -1.97
C ALA A 260 25.45 6.48 -2.47
N LYS A 261 25.73 6.37 -3.76
CA LYS A 261 26.80 7.16 -4.35
C LYS A 261 26.35 8.56 -4.75
N ASN A 262 25.11 8.71 -5.22
CA ASN A 262 24.68 9.97 -5.83
C ASN A 262 23.77 10.73 -4.87
N LYS A 263 24.30 11.14 -3.74
CA LYS A 263 23.48 11.75 -2.67
C LYS A 263 22.95 13.13 -3.03
N ASP A 264 23.79 14.04 -3.55
CA ASP A 264 23.31 15.34 -4.00
C ASP A 264 22.14 15.22 -4.98
N GLU A 265 22.27 14.33 -5.98
CA GLU A 265 21.19 14.12 -6.93
C GLU A 265 19.93 13.57 -6.25
N ALA A 266 20.09 12.61 -5.33
CA ALA A 266 18.97 12.06 -4.60
C ALA A 266 18.23 13.14 -3.82
N TYR A 267 18.98 14.05 -3.17
CA TYR A 267 18.28 15.13 -2.47
C TYR A 267 17.52 16.06 -3.42
N GLN A 268 18.12 16.36 -4.59
CA GLN A 268 17.40 17.14 -5.58
C GLN A 268 16.07 16.47 -5.95
N PHE A 269 16.08 15.13 -6.13
CA PHE A 269 14.87 14.41 -6.47
C PHE A 269 13.85 14.43 -5.34
N LEU A 270 14.28 14.25 -4.10
CA LEU A 270 13.36 14.35 -2.98
C LEU A 270 12.76 15.76 -2.88
N ASN A 271 13.57 16.82 -3.01
CA ASN A 271 13.00 18.14 -2.87
C ASN A 271 12.08 18.48 -4.05
N TYR A 272 12.33 17.84 -5.21
CA TYR A 272 11.41 17.93 -6.34
CA TYR A 272 11.40 17.94 -6.33
C TYR A 272 10.07 17.31 -5.97
N LEU A 273 10.09 16.11 -5.38
CA LEU A 273 8.88 15.44 -4.92
C LEU A 273 8.09 16.29 -3.92
N LEU A 274 8.79 17.09 -3.14
CA LEU A 274 8.15 17.97 -2.15
C LEU A 274 7.52 19.18 -2.79
N ARG A 275 7.77 19.49 -4.06
CA ARG A 275 7.04 20.59 -4.68
CA ARG A 275 7.05 20.59 -4.69
C ARG A 275 5.60 20.17 -4.87
N PRO A 276 4.63 21.03 -4.47
CA PRO A 276 3.27 20.51 -4.39
C PRO A 276 2.74 19.91 -5.68
N ASP A 277 3.04 20.54 -6.83
CA ASP A 277 2.49 20.01 -8.08
C ASP A 277 3.04 18.64 -8.45
N VAL A 278 4.25 18.32 -8.01
CA VAL A 278 4.89 17.09 -8.49
C VAL A 278 4.19 15.87 -7.93
N VAL A 279 3.99 15.83 -6.59
CA VAL A 279 3.32 14.68 -5.98
CA VAL A 279 3.35 14.70 -5.99
C VAL A 279 1.82 14.73 -6.21
N ALA A 280 1.21 15.94 -6.40
CA ALA A 280 -0.21 15.98 -6.74
C ALA A 280 -0.44 15.29 -8.08
N HIS A 281 0.45 15.57 -9.05
CA HIS A 281 0.37 14.94 -10.38
C HIS A 281 0.52 13.43 -10.30
N ILE A 282 1.42 12.96 -9.46
CA ILE A 282 1.54 11.52 -9.22
C ILE A 282 0.25 10.93 -8.69
N SER A 283 -0.31 11.54 -7.64
CA SER A 283 -1.57 11.05 -7.09
C SER A 283 -2.69 10.99 -8.14
N ASP A 284 -2.74 12.00 -9.01
CA ASP A 284 -3.74 12.07 -10.10
C ASP A 284 -3.64 10.85 -11.01
N HIS A 285 -2.45 10.29 -11.16
CA HIS A 285 -2.21 9.17 -12.08
CA HIS A 285 -2.21 9.17 -12.08
C HIS A 285 -2.27 7.82 -11.40
N VAL A 286 -1.90 7.72 -10.13
CA VAL A 286 -1.81 6.43 -9.44
C VAL A 286 -2.89 6.19 -8.41
N PHE A 287 -3.68 7.22 -8.06
CA PHE A 287 -4.84 7.05 -7.21
C PHE A 287 -4.48 6.65 -5.79
N TYR A 288 -3.32 7.08 -5.32
CA TYR A 288 -2.92 7.01 -3.93
C TYR A 288 -2.82 8.44 -3.39
N ALA A 289 -3.17 8.63 -2.12
CA ALA A 289 -2.93 9.89 -1.43
C ALA A 289 -1.44 10.11 -1.17
N ASN A 290 -0.90 11.26 -1.55
CA ASN A 290 0.43 11.58 -1.13
C ASN A 290 0.44 12.16 0.26
N ALA A 291 1.61 12.26 0.84
CA ALA A 291 1.81 12.70 2.20
C ALA A 291 2.09 14.17 2.33
N ASN A 292 1.84 14.96 1.31
CA ASN A 292 2.17 16.38 1.25
C ASN A 292 0.88 17.18 1.42
N LYS A 293 0.79 17.88 2.54
CA LYS A 293 -0.40 18.67 2.84
C LYS A 293 -0.57 19.85 1.90
N ALA A 294 0.52 20.47 1.48
CA ALA A 294 0.47 21.54 0.48
C ALA A 294 -0.05 21.08 -0.86
N ALA A 295 0.14 19.82 -1.18
CA ALA A 295 -0.26 19.28 -2.46
C ALA A 295 -1.74 19.01 -2.57
N THR A 296 -2.43 18.76 -1.46
CA THR A 296 -3.81 18.22 -1.53
C THR A 296 -4.72 19.07 -2.40
N PRO A 297 -4.76 20.40 -2.29
CA PRO A 297 -5.69 21.18 -3.15
C PRO A 297 -5.41 21.04 -4.63
N LEU A 298 -4.18 20.72 -5.02
CA LEU A 298 -3.76 20.58 -6.40
C LEU A 298 -4.16 19.26 -6.98
N VAL A 299 -4.50 18.26 -6.16
CA VAL A 299 -4.94 16.96 -6.64
C VAL A 299 -6.32 17.11 -7.30
N SER A 300 -6.52 16.34 -8.35
CA SER A 300 -7.82 16.39 -9.06
C SER A 300 -8.95 16.04 -8.12
N ALA A 301 -10.11 16.65 -8.38
CA ALA A 301 -11.25 16.42 -7.52
C ALA A 301 -11.59 14.94 -7.41
N GLU A 302 -11.51 14.20 -8.51
CA GLU A 302 -11.91 12.78 -8.48
C GLU A 302 -11.12 12.03 -7.41
N VAL A 303 -9.85 12.38 -7.26
CA VAL A 303 -8.95 11.69 -6.32
C VAL A 303 -9.05 12.29 -4.93
N ARG A 304 -8.94 13.62 -4.80
CA ARG A 304 -8.92 14.27 -3.51
C ARG A 304 -10.23 14.10 -2.74
N GLU A 305 -11.36 14.11 -3.46
CA GLU A 305 -12.67 14.00 -2.88
C GLU A 305 -13.14 12.56 -2.72
N ASN A 306 -12.28 11.58 -3.00
CA ASN A 306 -12.66 10.19 -2.82
C ASN A 306 -12.27 9.78 -1.40
N PRO A 307 -13.21 9.51 -0.50
CA PRO A 307 -12.88 9.19 0.89
C PRO A 307 -12.26 7.81 1.08
N GLY A 308 -12.16 7.01 0.03
CA GLY A 308 -11.39 5.79 0.07
C GLY A 308 -9.96 5.98 -0.40
N ILE A 309 -9.57 7.22 -0.74
CA ILE A 309 -8.20 7.63 -1.05
C ILE A 309 -7.68 8.62 -0.02
N TYR A 310 -8.45 9.69 0.20
CA TYR A 310 -8.22 10.74 1.18
C TYR A 310 -9.31 10.63 2.23
N PRO A 311 -9.20 9.75 3.24
CA PRO A 311 -10.32 9.56 4.16
C PRO A 311 -10.42 10.73 5.12
N PRO A 312 -11.62 11.04 5.59
CA PRO A 312 -11.80 12.15 6.54
C PRO A 312 -11.47 11.70 7.96
N ALA A 313 -11.58 12.66 8.91
CA ALA A 313 -11.07 12.44 10.26
C ALA A 313 -11.71 11.24 10.94
N ASP A 314 -13.02 11.03 10.76
CA ASP A 314 -13.72 9.93 11.42
C ASP A 314 -13.19 8.58 10.92
N VAL A 315 -12.90 8.48 9.63
CA VAL A 315 -12.38 7.23 9.06
C VAL A 315 -10.93 7.03 9.47
N ARG A 316 -10.14 8.13 9.45
CA ARG A 316 -8.74 8.02 9.87
C ARG A 316 -8.66 7.48 11.28
N ALA A 317 -9.55 7.93 12.18
CA ALA A 317 -9.50 7.47 13.56
C ALA A 317 -9.78 6.00 13.72
N LYS A 318 -10.38 5.35 12.72
CA LYS A 318 -10.64 3.92 12.76
C LYS A 318 -9.50 3.10 12.16
N LEU A 319 -8.47 3.72 11.60
CA LEU A 319 -7.36 2.98 11.01
C LEU A 319 -6.36 2.57 12.08
N PHE A 320 -5.84 1.37 11.94
CA PHE A 320 -4.75 0.93 12.78
C PHE A 320 -3.50 0.77 11.93
N THR A 321 -2.35 0.82 12.60
CA THR A 321 -1.07 0.62 11.93
C THR A 321 -0.41 -0.63 12.52
N LEU A 322 0.39 -1.31 11.68
CA LEU A 322 1.08 -2.54 12.08
C LEU A 322 2.29 -2.22 12.95
N LYS A 323 2.44 -3.02 14.00
CA LYS A 323 3.59 -2.97 14.88
C LYS A 323 4.52 -4.13 14.60
N VAL A 324 5.81 -3.94 14.86
CA VAL A 324 6.78 -5.04 14.69
C VAL A 324 6.63 -6.00 15.86
N GLN A 325 6.56 -7.27 15.52
CA GLN A 325 6.43 -8.34 16.50
C GLN A 325 7.79 -8.92 16.83
N ASP A 326 7.83 -9.60 17.96
CA ASP A 326 8.97 -10.41 18.31
C ASP A 326 9.12 -11.52 17.28
N PRO A 327 10.35 -11.99 17.04
CA PRO A 327 10.52 -13.14 16.13
C PRO A 327 9.62 -14.34 16.39
N LYS A 328 9.33 -14.67 17.65
CA LYS A 328 8.55 -15.88 17.93
C LYS A 328 7.15 -15.77 17.35
N ILE A 329 6.55 -14.58 17.42
CA ILE A 329 5.25 -14.34 16.78
C ILE A 329 5.37 -14.34 15.26
N ASP A 330 6.42 -13.68 14.71
CA ASP A 330 6.63 -13.72 13.27
C ASP A 330 6.54 -15.15 12.75
N ARG A 331 7.19 -16.09 13.44
CA ARG A 331 7.23 -17.44 12.93
C ARG A 331 5.90 -18.16 13.10
N VAL A 332 5.18 -17.87 14.19
CA VAL A 332 3.85 -18.47 14.38
C VAL A 332 2.92 -18.03 13.27
N ARG A 333 2.97 -16.75 12.93
CA ARG A 333 2.16 -16.21 11.84
C ARG A 333 2.46 -16.88 10.52
N THR A 334 3.74 -17.00 10.17
CA THR A 334 4.12 -17.62 8.91
C THR A 334 3.68 -19.08 8.84
N ARG A 335 3.92 -19.83 9.92
CA ARG A 335 3.44 -21.21 9.99
C ARG A 335 1.91 -21.29 9.82
N ALA A 336 1.17 -20.40 10.47
CA ALA A 336 -0.28 -20.46 10.39
C ALA A 336 -0.78 -20.05 9.01
N TRP A 337 -0.11 -19.09 8.37
CA TRP A 337 -0.53 -18.74 7.02
C TRP A 337 -0.36 -19.93 6.09
N THR A 338 0.73 -20.67 6.23
CA THR A 338 0.90 -21.85 5.37
C THR A 338 -0.24 -22.84 5.56
N LYS A 339 -0.66 -23.05 6.81
CA LYS A 339 -1.79 -23.93 7.08
C LYS A 339 -3.05 -23.41 6.42
N VAL A 340 -3.33 -22.12 6.57
CA VAL A 340 -4.53 -21.57 5.98
C VAL A 340 -4.56 -21.84 4.49
N LYS A 341 -3.46 -21.51 3.80
CA LYS A 341 -3.45 -21.58 2.34
C LYS A 341 -3.43 -23.02 1.86
N SER A 342 -2.72 -23.88 2.57
CA SER A 342 -2.73 -25.30 2.23
CA SER A 342 -2.72 -25.30 2.22
C SER A 342 -4.15 -25.79 2.06
N GLY A 343 -5.00 -25.54 3.05
CA GLY A 343 -6.39 -25.90 2.97
C GLY A 343 -7.20 -25.21 4.04
N AG2 B . 1.49 0.18 -7.43
CA AG2 B . 1.83 0.69 -6.11
CB AG2 B . 1.71 -0.37 -5.05
CG AG2 B . 2.10 0.10 -3.69
CD AG2 B . 1.83 -0.94 -2.59
NE AG2 B . 2.47 -0.53 -1.40
CZ AG2 B . 2.65 -1.31 -0.22
NH1 AG2 B . 1.94 -2.54 -0.36
NH2 AG2 B . 3.25 -1.02 0.81
HN1 AG2 B . 1.60 0.81 -8.04
HN2 AG2 B . 0.64 -0.07 -7.42
HA1 AG2 B . 1.23 1.43 -5.90
HA2 AG2 B . 2.75 1.02 -6.13
HB1 AG2 B . 2.27 -1.12 -5.29
HB2 AG2 B . 0.79 -0.66 -5.01
HG1 AG2 B . 3.06 0.29 -3.69
HG2 AG2 B . 1.62 0.90 -3.48
HD1 AG2 B . 0.87 -0.99 -2.43
HD2 AG2 B . 2.17 -1.80 -2.86
HE1 AG2 B . 2.80 0.26 -1.40
HH11 AG2 B . 1.52 -2.75 -1.10
HH21 AG2 B . 3.66 -0.25 0.92
HH22 AG2 B . 1.95 -3.10 0.29
C1 EDO C . 10.92 7.29 -16.85
O1 EDO C . 11.92 6.35 -16.39
C2 EDO C . 9.49 7.05 -16.32
O2 EDO C . 9.45 6.75 -14.91
H11 EDO C . 10.90 7.27 -17.94
H12 EDO C . 11.23 8.29 -16.54
HO1 EDO C . 12.78 6.60 -16.73
H21 EDO C . 9.05 6.22 -16.88
H22 EDO C . 8.89 7.94 -16.52
HO2 EDO C . 8.53 6.54 -14.65
C1 GOL D . 4.32 -6.86 5.92
O1 GOL D . 5.36 -6.59 5.00
C2 GOL D . 3.19 -5.92 5.58
O2 GOL D . 2.78 -6.07 4.27
C3 GOL D . 3.70 -4.54 5.94
O3 GOL D . 2.57 -3.74 5.80
H11 GOL D . 4.60 -6.72 6.84
H12 GOL D . 4.02 -7.77 5.87
H2 GOL D . 2.39 -6.09 6.10
H31 GOL D . 4.43 -4.29 5.35
H32 GOL D . 4.07 -4.55 6.83
C1 GOL E . -4.01 13.58 4.11
O1 GOL E . -4.38 12.22 4.47
C2 GOL E . -2.56 13.47 3.73
O2 GOL E . -2.54 12.48 2.73
C3 GOL E . -2.02 14.80 3.17
O3 GOL E . -2.42 15.88 4.04
H11 GOL E . -4.13 14.22 4.84
H12 GOL E . -4.53 13.93 3.37
HO1 GOL E . -5.09 12.05 4.03
H2 GOL E . -2.00 13.28 4.50
HO2 GOL E . -1.72 12.31 2.55
H31 GOL E . -2.36 14.90 2.27
H32 GOL E . -1.07 14.72 3.08
HO3 GOL E . -1.72 16.36 4.16
C1 PEG F . -13.85 -20.49 -8.14
O1 PEG F . -14.56 -19.38 -8.68
C2 PEG F . -13.21 -20.15 -6.83
O2 PEG F . -12.10 -21.03 -6.60
C3 PEG F . -12.37 -22.11 -5.72
C4 PEG F . -11.99 -21.74 -4.31
O4 PEG F . -10.71 -22.25 -3.93
H11 PEG F . -13.17 -20.77 -8.76
H12 PEG F . -14.48 -21.22 -8.00
HO1 PEG F . -15.32 -19.25 -8.33
H21 PEG F . -13.86 -20.25 -6.11
H22 PEG F . -12.90 -19.23 -6.84
H31 PEG F . -11.84 -22.87 -5.99
H32 PEG F . -13.31 -22.33 -5.75
H41 PEG F . -12.66 -22.10 -3.70
H42 PEG F . -11.97 -20.77 -4.24
HO4 PEG F . -10.59 -22.29 -3.09
C1 PEG G . 1.15 -21.73 14.07
O1 PEG G . 2.48 -21.30 14.34
C2 PEG G . 1.08 -22.77 13.00
O2 PEG G . 0.08 -23.73 13.30
C3 PEG G . -1.16 -23.48 12.64
C4 PEG G . -1.94 -22.46 13.42
O4 PEG G . -3.24 -22.28 12.87
H11 PEG G . 0.63 -20.96 13.80
H12 PEG G . 0.77 -22.09 14.89
HO1 PEG G . 2.65 -21.21 15.17
H21 PEG G . 1.94 -23.21 12.93
H22 PEG G . 0.87 -22.34 12.16
H31 PEG G . -1.67 -24.31 12.60
H32 PEG G . -0.99 -23.16 11.74
H41 PEG G . -1.47 -21.61 13.38
H42 PEG G . -2.02 -22.75 14.34
HO4 PEG G . -3.25 -22.04 12.06
C1 EDO H . 28.86 11.15 -7.00
O1 EDO H . 28.71 10.74 -8.37
C2 EDO H . 28.39 12.59 -6.81
O2 EDO H . 26.99 12.64 -6.44
H11 EDO H . 29.91 11.08 -6.71
H12 EDO H . 28.28 10.49 -6.36
HO1 EDO H . 29.04 9.84 -8.48
H21 EDO H . 28.54 13.14 -7.74
H22 EDO H . 28.99 13.07 -6.03
HO2 EDO H . 26.74 13.57 -6.29
C1 EDO I . -7.64 26.46 -3.55
O1 EDO I . -7.11 26.33 -2.22
C2 EDO I . -7.46 25.13 -4.28
O2 EDO I . -7.67 25.25 -5.68
H11 EDO I . -7.11 27.25 -4.08
H12 EDO I . -8.70 26.73 -3.50
HO1 EDO I . -7.17 27.18 -1.76
H21 EDO I . -8.18 24.40 -3.88
H22 EDO I . -6.45 24.75 -4.10
HO2 EDO I . -7.57 24.39 -6.11
C1 EDO J . -14.36 13.80 2.24
O1 EDO J . -14.31 13.37 0.88
C2 EDO J . -14.84 12.62 3.10
O2 EDO J . -16.18 12.23 2.75
H11 EDO J . -15.05 14.64 2.35
H12 EDO J . -13.38 14.12 2.57
HO1 EDO J . -14.01 14.11 0.33
H21 EDO J . -14.80 12.91 4.15
H22 EDO J . -14.17 11.78 2.96
HO2 EDO J . -16.45 11.47 3.30
C1 EDO K . -17.51 9.34 -14.86
O1 EDO K . -16.68 10.31 -15.53
C2 EDO K . -17.83 8.20 -15.81
O2 EDO K . -18.88 7.38 -15.27
H11 EDO K . -18.43 9.82 -14.51
H12 EDO K . -16.99 8.95 -13.99
HO1 EDO K . -16.33 10.94 -14.88
H21 EDO K . -16.94 7.60 -15.98
H22 EDO K . -18.16 8.61 -16.78
HO2 EDO K . -19.07 6.65 -15.87
C1 EDO L . -19.27 -6.27 11.92
O1 EDO L . -19.67 -4.90 11.87
C2 EDO L . -18.47 -6.52 13.20
O2 EDO L . -19.17 -6.00 14.34
H11 EDO L . -18.66 -6.52 11.05
H12 EDO L . -20.15 -6.92 11.92
HO1 EDO L . -20.24 -4.75 11.10
H21 EDO L . -17.49 -6.03 13.12
H22 EDO L . -18.29 -7.59 13.33
HO2 EDO L . -18.57 -5.96 15.10
C1 EDO M . -11.45 6.50 -9.16
O1 EDO M . -10.62 5.46 -9.76
C2 EDO M . -10.63 7.56 -8.41
O2 EDO M . -11.35 8.28 -7.37
H11 EDO M . -12.14 6.03 -8.45
H12 EDO M . -12.03 6.98 -9.94
HO1 EDO M . -11.17 4.82 -10.21
H21 EDO M . -10.27 8.28 -9.15
H22 EDO M . -9.76 7.08 -7.97
HO2 EDO M . -10.78 8.97 -7.01
C1 EDO N . 5.16 2.03 -14.25
O1 EDO N . 5.11 0.66 -13.88
C2 EDO N . 6.30 2.70 -13.48
O2 EDO N . 6.40 4.09 -13.77
H11 EDO N . 4.21 2.52 -14.02
H12 EDO N . 5.34 2.12 -15.32
HO1 EDO N . 4.40 0.21 -14.37
H21 EDO N . 7.24 2.21 -13.74
H22 EDO N . 6.13 2.56 -12.41
HO2 EDO N . 7.13 4.47 -13.28
C1 EDO O . -17.09 3.12 -17.90
O1 EDO O . -17.90 3.99 -17.06
C2 EDO O . -16.53 3.77 -19.17
O2 EDO O . -15.46 4.69 -19.01
H11 EDO O . -17.70 2.26 -18.17
H12 EDO O . -16.25 2.76 -17.29
HO1 EDO O . -18.23 3.50 -16.30
H21 EDO O . -17.35 4.27 -19.68
H22 EDO O . -16.19 2.96 -19.83
HO2 EDO O . -15.42 5.28 -19.77
C1 EDO P . -16.96 2.87 2.90
O1 EDO P . -17.73 3.50 1.88
C2 EDO P . -17.85 2.13 3.88
O2 EDO P . -17.12 1.49 4.93
H11 EDO P . -16.36 3.61 3.42
H12 EDO P . -16.27 2.16 2.44
HO1 EDO P . -17.15 4.02 1.31
H21 EDO P . -18.43 1.37 3.35
H22 EDO P . -18.55 2.84 4.32
HO2 EDO P . -17.73 1.00 5.49
CA CA Q . 3.98 1.07 6.78
#